data_6WDP
#
_entry.id   6WDP
#
_cell.length_a   55.780
_cell.length_b   55.780
_cell.length_c   182.010
_cell.angle_alpha   90.000
_cell.angle_beta   90.000
_cell.angle_gamma   90.000
#
_symmetry.space_group_name_H-M   'P 43 21 2'
#
loop_
_entity.id
_entity.type
_entity.pdbx_description
1 polymer 'Interleukin-12 receptor subunit beta-1'
2 non-polymer GLYCEROL
3 non-polymer 'SULFATE ION'
4 water water
#
_entity_poly.entity_id   1
_entity_poly.type   'polypeptide(L)'
_entity_poly.pdbx_seq_one_letter_code
;SECCFQDPPYPDADSGSASGPRDLRCYRISSDRYECSWQYEGPTAGVSHFLRCCLSSGRCCYFAAGSATRLQFSDQAGVS
VLYTVTLWVESWARNQTEKSPEVTLQLYNSVKYEPPLGDIKVSKLAGQLRMEWETPDNQVGAEVQFRHRTPSSPWKLGDC
GPQDDDTESCLCPLEMNVAQEFQLRRRQLGSQGSSWSKWSSPVCVPPENPPQPHHHHHH
;
_entity_poly.pdbx_strand_id   A
#
# COMPACT_ATOMS: atom_id res chain seq x y z
N SER A 1 -5.06 -23.08 3.01
CA SER A 1 -3.68 -22.62 3.00
C SER A 1 -2.98 -22.93 4.32
N GLU A 2 -1.87 -23.66 4.25
CA GLU A 2 -1.00 -23.90 5.40
C GLU A 2 0.40 -23.40 5.06
N CYS A 3 0.99 -22.64 5.98
CA CYS A 3 2.33 -22.12 5.76
C CYS A 3 3.34 -23.25 5.94
N CYS A 4 4.18 -23.47 4.93
CA CYS A 4 5.06 -24.64 4.91
C CYS A 4 6.39 -24.27 5.56
N PHE A 5 6.69 -24.89 6.70
CA PHE A 5 7.90 -24.60 7.45
C PHE A 5 9.04 -25.46 6.93
N GLN A 6 9.47 -25.13 5.71
CA GLN A 6 10.57 -25.80 5.03
C GLN A 6 11.30 -24.78 4.19
N ASP A 7 12.50 -25.16 3.77
CA ASP A 7 13.25 -24.33 2.83
C ASP A 7 12.42 -24.15 1.56
N PRO A 8 12.38 -22.94 1.00
CA PRO A 8 11.63 -22.75 -0.24
C PRO A 8 12.27 -23.55 -1.36
N PRO A 9 11.49 -23.89 -2.40
CA PRO A 9 12.02 -24.74 -3.47
C PRO A 9 12.74 -23.95 -4.55
N TYR A 10 13.61 -23.03 -4.15
CA TYR A 10 14.36 -22.18 -5.06
C TYR A 10 15.49 -21.52 -4.28
N PRO A 11 16.51 -21.00 -4.97
CA PRO A 11 17.58 -20.30 -4.24
C PRO A 11 17.15 -18.91 -3.80
N ASP A 12 17.93 -18.35 -2.87
CA ASP A 12 17.66 -17.02 -2.36
C ASP A 12 18.08 -15.97 -3.39
N ALA A 13 17.50 -14.79 -3.26
CA ALA A 13 17.73 -13.72 -4.24
C ALA A 13 19.14 -13.18 -4.12
N ASP A 14 19.71 -12.80 -5.26
CA ASP A 14 21.07 -12.25 -5.31
C ASP A 14 21.06 -10.85 -5.91
N SER A 17 18.12 -7.25 -8.65
CA SER A 17 17.24 -7.19 -9.81
C SER A 17 16.35 -5.94 -9.78
N ALA A 18 16.07 -5.38 -10.96
CA ALA A 18 15.24 -4.19 -11.05
C ALA A 18 13.75 -4.53 -11.01
N SER A 19 13.39 -5.74 -11.44
CA SER A 19 12.01 -6.19 -11.35
C SER A 19 11.80 -7.00 -10.07
N GLY A 20 10.54 -7.14 -9.67
CA GLY A 20 10.21 -7.90 -8.49
C GLY A 20 8.92 -7.48 -7.83
N PRO A 21 8.56 -8.18 -6.75
CA PRO A 21 7.33 -7.86 -6.03
C PRO A 21 7.53 -6.67 -5.10
N ARG A 22 6.43 -5.97 -4.84
CA ARG A 22 6.50 -4.77 -4.02
C ARG A 22 5.12 -4.49 -3.42
N ASP A 23 5.11 -3.53 -2.48
CA ASP A 23 3.88 -3.00 -1.88
C ASP A 23 3.05 -4.11 -1.24
N LEU A 24 3.71 -4.92 -0.42
CA LEU A 24 3.02 -5.96 0.31
C LEU A 24 2.14 -5.35 1.39
N ARG A 25 0.86 -5.72 1.40
CA ARG A 25 -0.10 -5.26 2.39
C ARG A 25 -0.79 -6.48 2.99
N CYS A 26 -0.80 -6.58 4.31
CA CYS A 26 -1.42 -7.71 5.00
C CYS A 26 -2.34 -7.19 6.09
N TYR A 27 -3.49 -7.85 6.26
CA TYR A 27 -4.51 -7.33 7.16
C TYR A 27 -5.49 -8.44 7.47
N ARG A 28 -6.23 -8.26 8.56
CA ARG A 28 -7.30 -9.18 8.92
C ARG A 28 -8.55 -8.82 8.14
N ILE A 29 -9.32 -9.83 7.72
CA ILE A 29 -10.54 -9.58 6.96
C ILE A 29 -11.79 -10.16 7.62
N SER A 30 -11.66 -10.97 8.66
CA SER A 30 -12.81 -11.51 9.38
C SER A 30 -12.36 -11.85 10.78
N SER A 31 -13.20 -12.56 11.53
CA SER A 31 -12.80 -12.99 12.86
C SER A 31 -11.55 -13.86 12.80
N ASP A 32 -11.38 -14.65 11.73
CA ASP A 32 -10.30 -15.62 11.71
C ASP A 32 -9.60 -15.76 10.35
N ARG A 33 -9.81 -14.84 9.41
CA ARG A 33 -9.15 -14.94 8.12
C ARG A 33 -8.38 -13.65 7.84
N TYR A 34 -7.31 -13.81 7.06
CA TYR A 34 -6.36 -12.76 6.77
C TYR A 34 -6.07 -12.78 5.27
N GLU A 35 -5.55 -11.69 4.76
CA GLU A 35 -5.25 -11.56 3.34
C GLU A 35 -3.98 -10.73 3.20
N CYS A 36 -3.08 -11.20 2.35
CA CYS A 36 -1.93 -10.40 1.93
C CYS A 36 -2.06 -10.09 0.44
N SER A 37 -1.67 -8.88 0.07
CA SER A 37 -1.83 -8.38 -1.29
C SER A 37 -0.54 -7.70 -1.69
N TRP A 38 -0.14 -7.86 -2.95
CA TRP A 38 1.09 -7.22 -3.43
C TRP A 38 0.99 -6.98 -4.92
N GLN A 39 1.99 -6.29 -5.45
CA GLN A 39 2.10 -6.00 -6.88
C GLN A 39 3.46 -6.47 -7.37
N TYR A 40 3.56 -6.68 -8.68
CA TYR A 40 4.80 -7.13 -9.29
C TYR A 40 5.25 -6.12 -10.35
N GLU A 41 6.51 -5.70 -10.28
CA GLU A 41 7.10 -4.83 -11.28
C GLU A 41 7.80 -5.69 -12.33
N GLY A 42 7.40 -5.55 -13.59
CA GLY A 42 8.02 -6.27 -14.68
C GLY A 42 7.08 -7.24 -15.37
N PRO A 43 7.56 -7.88 -16.43
CA PRO A 43 6.73 -8.85 -17.16
C PRO A 43 6.37 -10.04 -16.29
N THR A 44 5.10 -10.46 -16.34
CA THR A 44 4.60 -11.50 -15.46
C THR A 44 4.66 -12.89 -16.08
N ALA A 45 5.13 -13.02 -17.32
CA ALA A 45 5.13 -14.31 -18.00
C ALA A 45 6.01 -15.33 -17.27
N GLY A 46 5.40 -16.42 -16.83
CA GLY A 46 6.12 -17.47 -16.14
C GLY A 46 6.51 -17.15 -14.71
N VAL A 47 6.05 -16.02 -14.17
CA VAL A 47 6.40 -15.61 -12.81
C VAL A 47 5.41 -16.22 -11.83
N SER A 48 5.92 -16.65 -10.68
CA SER A 48 5.10 -17.13 -9.58
C SER A 48 5.60 -16.49 -8.29
N HIS A 49 4.74 -16.50 -7.27
CA HIS A 49 5.00 -15.74 -6.06
C HIS A 49 4.88 -16.64 -4.84
N PHE A 50 5.67 -16.30 -3.82
CA PHE A 50 5.67 -17.00 -2.54
C PHE A 50 5.59 -15.97 -1.42
N LEU A 51 4.61 -16.14 -0.53
CA LEU A 51 4.48 -15.30 0.64
C LEU A 51 5.30 -15.93 1.76
N ARG A 52 6.30 -15.19 2.25
CA ARG A 52 7.20 -15.67 3.29
C ARG A 52 6.82 -15.09 4.64
N CYS A 53 7.07 -15.86 5.68
CA CYS A 53 6.81 -15.40 7.04
C CYS A 53 7.88 -15.96 7.97
N CYS A 54 8.39 -15.12 8.87
CA CYS A 54 9.27 -15.55 9.94
C CYS A 54 8.67 -15.17 11.27
N LEU A 55 8.55 -16.16 12.15
CA LEU A 55 8.11 -15.93 13.51
C LEU A 55 9.26 -15.34 14.33
N SER A 56 8.91 -14.76 15.48
CA SER A 56 9.94 -14.15 16.31
C SER A 56 10.96 -15.18 16.79
N SER A 57 10.60 -16.46 16.80
CA SER A 57 11.53 -17.51 17.17
C SER A 57 12.56 -17.81 16.09
N GLY A 58 12.43 -17.22 14.91
CA GLY A 58 13.30 -17.53 13.79
C GLY A 58 12.80 -18.61 12.86
N ARG A 59 11.74 -19.34 13.23
CA ARG A 59 11.16 -20.32 12.31
C ARG A 59 10.46 -19.60 11.17
N CYS A 60 10.69 -20.06 9.94
CA CYS A 60 10.15 -19.39 8.76
C CYS A 60 9.42 -20.38 7.87
N CYS A 61 8.42 -19.87 7.14
CA CYS A 61 7.58 -20.72 6.31
C CYS A 61 7.20 -19.96 5.04
N TYR A 62 6.53 -20.66 4.12
CA TYR A 62 6.10 -20.05 2.87
C TYR A 62 4.75 -20.60 2.42
N PHE A 63 3.98 -19.73 1.77
CA PHE A 63 2.83 -20.07 0.95
C PHE A 63 3.22 -19.93 -0.52
N ALA A 64 2.95 -20.95 -1.32
CA ALA A 64 3.11 -20.85 -2.76
C ALA A 64 1.81 -20.29 -3.36
N ALA A 65 1.91 -19.15 -4.04
CA ALA A 65 0.72 -18.48 -4.55
C ALA A 65 0.54 -18.62 -6.05
N GLY A 66 1.43 -19.32 -6.74
CA GLY A 66 1.33 -19.37 -8.19
C GLY A 66 1.46 -17.97 -8.76
N SER A 67 0.68 -17.69 -9.81
CA SER A 67 0.71 -16.38 -10.44
C SER A 67 -0.13 -15.34 -9.69
N ALA A 68 -0.89 -15.75 -8.68
CA ALA A 68 -1.71 -14.80 -7.94
C ALA A 68 -0.84 -13.78 -7.22
N THR A 69 -1.37 -12.57 -7.08
CA THR A 69 -0.73 -11.49 -6.33
C THR A 69 -1.50 -11.15 -5.07
N ARG A 70 -2.23 -12.13 -4.54
CA ARG A 70 -3.09 -11.96 -3.38
C ARG A 70 -3.37 -13.35 -2.84
N LEU A 71 -3.45 -13.46 -1.52
CA LEU A 71 -3.58 -14.78 -0.92
C LEU A 71 -4.25 -14.64 0.43
N GLN A 72 -5.17 -15.54 0.73
CA GLN A 72 -5.85 -15.54 2.02
C GLN A 72 -5.41 -16.73 2.85
N PHE A 73 -5.46 -16.57 4.17
CA PHE A 73 -5.15 -17.67 5.08
C PHE A 73 -5.87 -17.44 6.39
N SER A 74 -6.06 -18.52 7.13
CA SER A 74 -6.70 -18.48 8.43
C SER A 74 -5.65 -18.40 9.53
N ASP A 75 -6.12 -18.22 10.76
CA ASP A 75 -5.20 -18.20 11.89
C ASP A 75 -4.76 -19.61 12.29
N GLN A 76 -5.15 -20.65 11.55
CA GLN A 76 -4.68 -22.00 11.75
C GLN A 76 -3.60 -22.40 10.76
N ALA A 77 -3.11 -21.46 9.96
CA ALA A 77 -2.13 -21.74 8.92
C ALA A 77 -0.70 -21.86 9.43
N GLY A 78 -0.47 -21.71 10.73
CA GLY A 78 0.88 -21.74 11.28
C GLY A 78 1.50 -20.37 11.49
N VAL A 79 0.83 -19.30 11.07
CA VAL A 79 1.32 -17.92 11.19
C VAL A 79 0.68 -17.28 12.42
N SER A 80 1.51 -16.79 13.34
CA SER A 80 0.99 -16.09 14.50
C SER A 80 0.30 -14.80 14.07
N VAL A 81 -0.86 -14.53 14.67
CA VAL A 81 -1.57 -13.30 14.40
C VAL A 81 -1.66 -12.40 15.63
N LEU A 82 -1.55 -12.96 16.85
CA LEU A 82 -1.60 -12.16 18.06
C LEU A 82 -0.28 -11.48 18.38
N TYR A 83 0.83 -11.98 17.83
CA TYR A 83 2.15 -11.43 18.10
C TYR A 83 2.79 -11.04 16.76
N THR A 84 3.85 -10.24 16.86
CA THR A 84 4.49 -9.69 15.68
C THR A 84 5.18 -10.77 14.84
N VAL A 85 4.95 -10.73 13.53
CA VAL A 85 5.69 -11.54 12.57
C VAL A 85 6.26 -10.63 11.49
N THR A 86 7.16 -11.18 10.69
CA THR A 86 7.76 -10.48 9.56
C THR A 86 7.37 -11.19 8.28
N LEU A 87 6.83 -10.45 7.32
CA LEU A 87 6.34 -11.00 6.06
C LEU A 87 7.00 -10.29 4.89
N TRP A 88 7.18 -11.05 3.80
CA TRP A 88 7.67 -10.48 2.55
C TRP A 88 7.33 -11.45 1.43
N VAL A 89 7.48 -10.98 0.20
CA VAL A 89 7.14 -11.76 -0.99
C VAL A 89 8.42 -12.07 -1.73
N GLU A 90 8.55 -13.32 -2.18
CA GLU A 90 9.61 -13.72 -3.09
C GLU A 90 8.99 -14.21 -4.39
N SER A 91 9.53 -13.77 -5.52
CA SER A 91 9.03 -14.16 -6.82
C SER A 91 10.10 -14.97 -7.55
N TRP A 92 9.69 -16.09 -8.12
CA TRP A 92 10.53 -16.83 -9.06
C TRP A 92 10.20 -16.34 -10.45
N ALA A 93 11.17 -15.67 -11.09
CA ALA A 93 10.93 -15.02 -12.37
C ALA A 93 12.16 -15.18 -13.24
N ARG A 94 11.98 -15.76 -14.42
CA ARG A 94 13.03 -15.85 -15.43
C ARG A 94 14.33 -16.38 -14.84
N ASN A 95 14.21 -17.48 -14.09
CA ASN A 95 15.34 -18.25 -13.55
C ASN A 95 16.07 -17.52 -12.43
N GLN A 96 15.36 -16.67 -11.67
CA GLN A 96 16.01 -15.94 -10.59
C GLN A 96 14.97 -15.54 -9.55
N THR A 97 15.41 -15.43 -8.31
CA THR A 97 14.54 -15.05 -7.20
C THR A 97 14.59 -13.54 -6.99
N GLU A 98 13.42 -12.95 -6.72
CA GLU A 98 13.30 -11.51 -6.45
C GLU A 98 12.50 -11.34 -5.17
N LYS A 99 12.85 -10.34 -4.36
CA LYS A 99 12.25 -10.12 -3.04
C LYS A 99 11.60 -8.74 -2.93
N SER A 100 10.49 -8.67 -2.18
CA SER A 100 9.87 -7.41 -1.80
C SER A 100 10.50 -6.87 -0.52
N PRO A 101 10.31 -5.59 -0.21
CA PRO A 101 10.59 -5.12 1.15
C PRO A 101 9.74 -5.87 2.17
N GLU A 102 10.28 -6.04 3.37
CA GLU A 102 9.57 -6.74 4.42
C GLU A 102 8.51 -5.84 5.05
N VAL A 103 7.56 -6.48 5.73
CA VAL A 103 6.53 -5.77 6.51
C VAL A 103 6.44 -6.48 7.84
N THR A 104 6.58 -5.72 8.92
CA THR A 104 6.61 -6.27 10.28
C THR A 104 5.35 -5.81 11.00
N LEU A 105 4.51 -6.75 11.42
CA LEU A 105 3.25 -6.34 12.01
C LEU A 105 2.64 -7.43 12.88
N GLN A 106 1.68 -7.01 13.69
CA GLN A 106 0.78 -7.89 14.43
C GLN A 106 -0.50 -8.02 13.60
N LEU A 107 -0.70 -9.18 12.99
CA LEU A 107 -1.72 -9.32 11.95
C LEU A 107 -3.13 -9.10 12.51
N TYR A 108 -3.38 -9.52 13.75
CA TYR A 108 -4.74 -9.49 14.28
C TYR A 108 -5.28 -8.06 14.38
N ASN A 109 -4.41 -7.08 14.62
CA ASN A 109 -4.83 -5.69 14.74
C ASN A 109 -4.53 -4.87 13.49
N SER A 110 -4.09 -5.52 12.43
CA SER A 110 -3.81 -4.85 11.16
C SER A 110 -5.10 -4.76 10.35
N VAL A 111 -5.50 -3.55 10.01
CA VAL A 111 -6.75 -3.27 9.32
C VAL A 111 -6.43 -2.93 7.87
N LYS A 112 -7.30 -3.35 6.96
CA LYS A 112 -7.22 -2.97 5.55
C LYS A 112 -7.60 -1.51 5.43
N TYR A 113 -6.61 -0.63 5.36
CA TYR A 113 -6.88 0.79 5.24
C TYR A 113 -7.11 1.16 3.77
N GLU A 114 -7.98 2.13 3.56
CA GLU A 114 -8.34 2.50 2.21
C GLU A 114 -8.20 4.00 2.01
N PRO A 115 -7.92 4.44 0.78
CA PRO A 115 -7.84 5.86 0.51
C PRO A 115 -9.22 6.49 0.63
N PRO A 116 -9.34 7.79 0.40
CA PRO A 116 -10.67 8.36 0.17
C PRO A 116 -11.39 7.60 -0.92
N LEU A 117 -12.64 7.20 -0.62
CA LEU A 117 -13.48 6.45 -1.55
C LEU A 117 -14.80 7.21 -1.68
N GLY A 118 -14.88 8.09 -2.67
CA GLY A 118 -16.05 8.92 -2.83
C GLY A 118 -15.65 10.35 -3.15
N ASP A 119 -16.46 11.31 -2.73
CA ASP A 119 -16.19 12.72 -3.01
C ASP A 119 -14.91 13.16 -2.30
N ILE A 120 -14.04 13.86 -3.03
CA ILE A 120 -12.92 14.59 -2.44
C ILE A 120 -13.12 16.05 -2.79
N LYS A 121 -13.34 16.88 -1.78
CA LYS A 121 -13.55 18.32 -2.01
C LYS A 121 -12.21 19.02 -2.17
N VAL A 122 -12.13 19.91 -3.14
CA VAL A 122 -10.91 20.64 -3.42
C VAL A 122 -11.22 22.13 -3.51
N SER A 123 -10.44 22.94 -2.82
CA SER A 123 -10.62 24.38 -2.84
C SER A 123 -9.26 25.05 -2.66
N LYS A 124 -9.26 26.38 -2.84
CA LYS A 124 -8.04 27.17 -2.72
C LYS A 124 -7.94 27.75 -1.31
N LEU A 125 -6.71 27.77 -0.79
CA LEU A 125 -6.44 28.38 0.51
C LEU A 125 -5.11 29.10 0.36
N ALA A 126 -5.14 30.43 0.29
CA ALA A 126 -3.96 31.21 -0.04
C ALA A 126 -3.34 30.67 -1.32
N GLY A 127 -2.08 30.27 -1.26
CA GLY A 127 -1.40 29.77 -2.44
C GLY A 127 -1.32 28.26 -2.48
N GLN A 128 -2.23 27.60 -1.77
CA GLN A 128 -2.25 26.16 -1.72
C GLN A 128 -3.64 25.65 -2.11
N LEU A 129 -3.71 24.36 -2.35
CA LEU A 129 -4.98 23.67 -2.50
C LEU A 129 -5.28 22.90 -1.22
N ARG A 130 -6.54 22.94 -0.82
CA ARG A 130 -6.99 22.20 0.35
C ARG A 130 -7.94 21.11 -0.11
N MET A 131 -7.64 19.88 0.28
CA MET A 131 -8.50 18.74 -0.01
C MET A 131 -9.13 18.24 1.27
N GLU A 132 -10.39 17.81 1.18
CA GLU A 132 -11.13 17.36 2.33
C GLU A 132 -12.01 16.19 1.93
N TRP A 133 -12.10 15.21 2.82
CA TRP A 133 -12.92 14.03 2.54
C TRP A 133 -13.42 13.46 3.86
N GLU A 134 -14.53 12.73 3.78
CA GLU A 134 -15.04 12.02 4.93
C GLU A 134 -14.20 10.78 5.18
N THR A 135 -13.91 10.51 6.45
CA THR A 135 -13.07 9.38 6.80
C THR A 135 -13.76 8.07 6.48
N PRO A 136 -13.09 7.12 5.84
CA PRO A 136 -13.69 5.80 5.59
C PRO A 136 -14.18 5.19 6.90
N ASP A 137 -15.35 4.56 6.83
CA ASP A 137 -16.01 4.05 8.02
C ASP A 137 -15.07 3.18 8.85
N ASN A 138 -15.04 3.45 10.16
CA ASN A 138 -14.27 2.66 11.12
C ASN A 138 -12.77 2.68 10.81
N GLN A 139 -12.27 3.77 10.23
CA GLN A 139 -10.85 3.91 9.96
C GLN A 139 -10.32 5.25 10.46
N VAL A 140 -10.90 5.76 11.54
CA VAL A 140 -10.44 7.01 12.13
C VAL A 140 -9.03 6.81 12.70
N GLY A 141 -8.16 7.78 12.47
CA GLY A 141 -6.77 7.67 12.86
C GLY A 141 -5.91 7.17 11.73
N ALA A 142 -5.17 8.07 11.09
CA ALA A 142 -4.43 7.71 9.89
C ALA A 142 -3.26 8.65 9.67
N GLU A 143 -2.19 8.11 9.08
CA GLU A 143 -1.21 8.92 8.38
C GLU A 143 -1.61 8.98 6.91
N VAL A 144 -1.49 10.15 6.31
CA VAL A 144 -1.99 10.41 4.96
C VAL A 144 -0.89 11.07 4.14
N GLN A 145 -0.65 10.53 2.95
CA GLN A 145 0.29 11.10 1.99
C GLN A 145 -0.43 11.38 0.70
N PHE A 146 0.08 12.35 -0.06
CA PHE A 146 -0.42 12.61 -1.40
C PHE A 146 0.72 12.51 -2.39
N ARG A 147 0.35 12.42 -3.66
CA ARG A 147 1.29 12.61 -4.76
C ARG A 147 0.61 13.48 -5.80
N HIS A 148 1.41 14.24 -6.55
CA HIS A 148 0.86 15.19 -7.50
C HIS A 148 1.76 15.27 -8.72
N ARG A 149 1.16 15.66 -9.84
CA ARG A 149 1.91 15.80 -11.08
C ARG A 149 1.17 16.78 -11.99
N THR A 150 1.85 17.16 -13.06
CA THR A 150 1.34 17.98 -14.15
C THR A 150 1.44 17.13 -15.41
N PRO A 151 0.87 17.56 -16.54
CA PRO A 151 1.08 16.79 -17.79
C PRO A 151 2.53 16.48 -18.08
N SER A 152 3.43 17.44 -17.86
CA SER A 152 4.83 17.23 -18.19
C SER A 152 5.57 16.49 -17.08
N SER A 153 5.32 16.84 -15.83
CA SER A 153 6.12 16.36 -14.71
C SER A 153 5.64 15.00 -14.22
N PRO A 154 6.53 14.25 -13.55
CA PRO A 154 6.11 12.97 -12.96
C PRO A 154 5.57 13.15 -11.56
N TRP A 155 5.25 12.05 -10.89
CA TRP A 155 4.68 12.12 -9.54
C TRP A 155 5.71 12.62 -8.54
N LYS A 156 5.29 13.53 -7.66
CA LYS A 156 6.08 13.99 -6.54
C LYS A 156 5.27 13.78 -5.27
N LEU A 157 5.88 13.15 -4.27
CA LEU A 157 5.16 12.70 -3.09
C LEU A 157 5.21 13.74 -1.98
N GLY A 158 4.19 13.72 -1.13
CA GLY A 158 4.06 14.71 -0.07
C GLY A 158 3.33 14.16 1.13
N ASP A 159 3.45 14.89 2.24
CA ASP A 159 2.89 14.47 3.52
C ASP A 159 1.70 15.36 3.87
N CYS A 160 0.58 14.74 4.22
CA CYS A 160 -0.59 15.50 4.66
C CYS A 160 -0.63 15.70 6.17
N GLY A 161 0.10 14.91 6.94
CA GLY A 161 0.04 14.98 8.37
C GLY A 161 -0.93 13.97 8.94
N PRO A 162 -0.87 13.72 10.25
CA PRO A 162 -1.77 12.74 10.87
C PRO A 162 -3.19 13.28 10.99
N GLN A 163 -4.14 12.34 11.05
CA GLN A 163 -5.57 12.65 11.08
C GLN A 163 -6.22 11.87 12.21
N ASP A 164 -7.29 12.46 12.80
CA ASP A 164 -7.95 11.78 13.92
C ASP A 164 -9.46 12.02 14.00
N ASP A 165 -10.11 12.52 12.95
CA ASP A 165 -11.51 12.90 13.06
C ASP A 165 -12.35 12.19 12.00
N ASP A 166 -13.66 12.51 12.01
CA ASP A 166 -14.60 11.96 11.03
C ASP A 166 -14.34 12.48 9.62
N THR A 167 -13.62 13.59 9.50
CA THR A 167 -13.21 14.11 8.21
C THR A 167 -11.69 14.30 8.24
N GLU A 168 -11.07 14.21 7.07
CA GLU A 168 -9.63 14.36 6.96
C GLU A 168 -9.34 15.41 5.91
N SER A 169 -8.15 16.01 5.97
CA SER A 169 -7.83 17.07 5.04
C SER A 169 -6.34 17.05 4.72
N CYS A 170 -5.98 17.76 3.66
CA CYS A 170 -4.62 17.80 3.15
C CYS A 170 -4.38 19.14 2.46
N LEU A 171 -3.20 19.73 2.68
CA LEU A 171 -2.76 20.91 1.95
C LEU A 171 -1.78 20.48 0.86
N CYS A 172 -1.98 20.98 -0.35
CA CYS A 172 -1.21 20.58 -1.50
C CYS A 172 -0.75 21.81 -2.27
N PRO A 173 0.29 21.67 -3.10
CA PRO A 173 0.75 22.82 -3.89
C PRO A 173 -0.25 23.18 -4.99
N LEU A 174 -0.45 24.48 -5.17
CA LEU A 174 -1.33 25.01 -6.20
C LEU A 174 -0.49 25.56 -7.35
N GLU A 175 -0.86 25.20 -8.58
CA GLU A 175 -0.21 25.70 -9.80
C GLU A 175 -1.31 26.22 -10.71
N MET A 176 -1.51 27.54 -10.72
CA MET A 176 -2.65 28.13 -11.41
C MET A 176 -2.58 27.95 -12.92
N ASN A 177 -1.38 27.89 -13.49
CA ASN A 177 -1.24 27.97 -14.94
C ASN A 177 -1.16 26.63 -15.63
N VAL A 178 -1.14 25.52 -14.89
CA VAL A 178 -1.15 24.19 -15.50
C VAL A 178 -2.20 23.32 -14.83
N ALA A 179 -2.64 22.31 -15.58
CA ALA A 179 -3.48 21.26 -15.00
C ALA A 179 -2.70 20.47 -13.97
N GLN A 180 -3.38 20.06 -12.90
CA GLN A 180 -2.76 19.30 -11.81
C GLN A 180 -3.59 18.08 -11.51
N GLU A 181 -2.90 16.99 -11.16
CA GLU A 181 -3.55 15.76 -10.72
C GLU A 181 -2.99 15.37 -9.37
N PHE A 182 -3.87 15.02 -8.43
CA PHE A 182 -3.48 14.57 -7.10
C PHE A 182 -4.14 13.24 -6.81
N GLN A 183 -3.48 12.45 -5.97
CA GLN A 183 -4.04 11.23 -5.41
C GLN A 183 -3.63 11.14 -3.95
N LEU A 184 -4.40 10.39 -3.17
CA LEU A 184 -4.22 10.30 -1.73
C LEU A 184 -4.23 8.84 -1.30
N ARG A 185 -3.40 8.53 -0.31
CA ARG A 185 -3.40 7.22 0.31
C ARG A 185 -3.25 7.38 1.81
N ARG A 186 -3.72 6.37 2.55
CA ARG A 186 -3.84 6.44 4.00
C ARG A 186 -3.22 5.21 4.63
N ARG A 187 -2.60 5.42 5.80
CA ARG A 187 -1.92 4.39 6.57
C ARG A 187 -2.49 4.35 7.98
N GLN A 188 -2.63 3.15 8.53
CA GLN A 188 -3.12 3.01 9.90
C GLN A 188 -2.13 3.61 10.88
N LEU A 189 -2.63 4.24 11.93
CA LEU A 189 -1.77 4.71 13.01
C LEU A 189 -1.60 3.62 14.06
N GLY A 190 -0.70 3.87 15.00
CA GLY A 190 -0.46 2.96 16.10
C GLY A 190 0.82 2.16 15.92
N SER A 191 0.99 1.19 16.82
CA SER A 191 2.24 0.44 16.93
C SER A 191 2.17 -0.94 16.29
N GLN A 192 0.98 -1.43 15.93
CA GLN A 192 0.84 -2.81 15.46
C GLN A 192 1.47 -3.04 14.09
N GLY A 193 1.82 -2.00 13.36
CA GLY A 193 2.37 -2.20 12.04
C GLY A 193 1.36 -1.77 10.97
N SER A 194 1.89 -1.27 9.86
CA SER A 194 1.01 -0.66 8.86
C SER A 194 1.68 -0.70 7.49
N SER A 195 0.85 -0.64 6.46
CA SER A 195 1.29 -0.49 5.09
C SER A 195 0.37 0.49 4.39
N TRP A 196 0.91 1.19 3.39
CA TRP A 196 0.14 2.23 2.71
C TRP A 196 -1.00 1.61 1.92
N SER A 197 -2.14 2.30 1.92
CA SER A 197 -3.27 1.88 1.11
C SER A 197 -2.98 2.16 -0.36
N LYS A 198 -3.90 1.74 -1.22
CA LYS A 198 -3.80 2.10 -2.63
C LYS A 198 -4.12 3.58 -2.80
N TRP A 199 -3.61 4.15 -3.90
CA TRP A 199 -3.90 5.55 -4.23
C TRP A 199 -5.37 5.73 -4.53
N SER A 200 -5.91 6.88 -4.13
CA SER A 200 -7.29 7.19 -4.43
C SER A 200 -7.46 7.45 -5.92
N SER A 201 -8.72 7.57 -6.34
CA SER A 201 -8.98 8.06 -7.68
C SER A 201 -8.53 9.53 -7.76
N PRO A 202 -8.18 10.01 -8.95
CA PRO A 202 -7.50 11.32 -9.04
C PRO A 202 -8.39 12.48 -8.62
N VAL A 203 -7.73 13.52 -8.10
CA VAL A 203 -8.31 14.85 -8.02
C VAL A 203 -7.69 15.66 -9.15
N CYS A 204 -8.51 16.17 -10.06
CA CYS A 204 -8.06 16.84 -11.27
C CYS A 204 -8.43 18.32 -11.16
N VAL A 205 -7.44 19.19 -11.22
CA VAL A 205 -7.62 20.62 -11.02
C VAL A 205 -7.12 21.35 -12.27
N PRO A 206 -8.02 21.70 -13.19
CA PRO A 206 -7.61 22.39 -14.42
C PRO A 206 -6.97 23.74 -14.12
N PRO A 207 -6.17 24.27 -15.04
CA PRO A 207 -5.54 25.57 -14.78
C PRO A 207 -6.57 26.68 -14.76
N GLU A 208 -6.43 27.58 -13.81
CA GLU A 208 -7.29 28.76 -13.74
C GLU A 208 -6.72 29.93 -14.54
N ASN A 209 -5.39 29.98 -14.70
CA ASN A 209 -4.73 31.01 -15.51
C ASN A 209 -3.86 30.34 -16.56
N PRO A 210 -4.46 29.64 -17.52
CA PRO A 210 -3.64 28.98 -18.54
C PRO A 210 -2.97 29.99 -19.45
N PRO A 211 -1.88 29.62 -20.11
CA PRO A 211 -1.20 30.57 -21.02
C PRO A 211 -2.13 31.04 -22.13
N GLN A 212 -2.04 32.33 -22.44
CA GLN A 212 -2.91 32.98 -23.40
C GLN A 212 -2.08 33.72 -24.45
N PRO A 213 -2.62 33.90 -25.66
CA PRO A 213 -1.88 34.65 -26.67
C PRO A 213 -1.85 36.14 -26.32
N HIS A 214 -0.84 36.83 -26.83
CA HIS A 214 -0.72 38.26 -26.61
C HIS A 214 -0.33 38.97 -27.89
#